data_5Z07
#
_entry.id   5Z07
#
_cell.length_a   59.671
_cell.length_b   59.671
_cell.length_c   145.971
_cell.angle_alpha   90.00
_cell.angle_beta   90.00
_cell.angle_gamma   90.00
#
_symmetry.space_group_name_H-M   'P 41 21 2'
#
loop_
_entity.id
_entity.type
_entity.pdbx_description
1 polymer Cenp-I
2 water water
#
_entity_poly.entity_id   1
_entity_poly.type   'polypeptide(L)'
_entity_poly.pdbx_seq_one_letter_code
;(MSE)VNTEEDGLPRLIDAIEEASKIPAKRRQTPIKPTIEKLTTHLYTHGASPDSLLRLADLLTLRNHLDQASLAAITRN
LYPSSTVSDEVVLRFIGALGHGQLKPTLALQALFLRWLV(MSE)VYHLLENPGVLGQVYGVLFDLLDTAAIRPQLCHLLA
LVTRRKHVRPFRIQAILTLSRQTGGDPNLTGLLRVFKNYYPEIIVGDATKGRASAFKHPDPQWRQHLDEIQQRRSEA
;
_entity_poly.pdbx_strand_id   A
#
# COMPACT_ATOMS: atom_id res chain seq x y z
N GLY A 8 4.15 17.00 -18.64
CA GLY A 8 3.02 17.63 -18.01
C GLY A 8 2.88 17.29 -16.53
N LEU A 9 2.96 16.00 -16.22
CA LEU A 9 2.77 15.53 -14.86
C LEU A 9 3.64 16.25 -13.82
N PRO A 10 4.95 16.48 -14.04
CA PRO A 10 5.74 17.17 -13.00
C PRO A 10 5.21 18.53 -12.59
N ARG A 11 4.61 19.29 -13.51
CA ARG A 11 4.09 20.60 -13.15
C ARG A 11 2.84 20.47 -12.27
N LEU A 12 1.99 19.48 -12.56
CA LEU A 12 0.83 19.22 -11.73
C LEU A 12 1.23 18.84 -10.32
N ILE A 13 2.22 17.96 -10.17
CA ILE A 13 2.65 17.54 -8.85
C ILE A 13 3.27 18.73 -8.11
N ASP A 14 4.08 19.52 -8.82
CA ASP A 14 4.62 20.76 -8.28
C ASP A 14 3.54 21.61 -7.64
N ALA A 15 2.44 21.85 -8.36
CA ALA A 15 1.37 22.68 -7.84
C ALA A 15 0.74 22.05 -6.59
N ILE A 16 0.44 20.75 -6.64
CA ILE A 16 -0.20 20.09 -5.51
C ILE A 16 0.70 20.11 -4.30
N GLU A 17 1.99 19.84 -4.52
CA GLU A 17 2.92 19.78 -3.41
C GLU A 17 3.03 21.16 -2.73
N GLU A 18 3.07 22.24 -3.51
CA GLU A 18 3.09 23.57 -2.90
C GLU A 18 1.78 23.88 -2.19
N ALA A 19 0.63 23.53 -2.79
CA ALA A 19 -0.65 23.75 -2.11
C ALA A 19 -0.79 22.91 -0.84
N SER A 20 -0.19 21.71 -0.79
CA SER A 20 -0.29 20.84 0.36
C SER A 20 0.40 21.40 1.61
N LYS A 21 1.28 22.38 1.46
CA LYS A 21 1.93 23.03 2.59
C LYS A 21 1.06 24.10 3.23
N ILE A 22 -0.12 24.36 2.68
CA ILE A 22 -0.90 25.52 3.09
C ILE A 22 -2.31 25.08 3.43
N PRO A 23 -2.86 25.47 4.58
CA PRO A 23 -4.26 25.12 4.88
C PRO A 23 -5.19 25.65 3.81
N ALA A 24 -6.18 24.83 3.43
CA ALA A 24 -7.12 25.19 2.38
C ALA A 24 -7.73 26.58 2.61
N LYS A 25 -7.92 26.97 3.86
CA LYS A 25 -8.47 28.29 4.18
C LYS A 25 -7.59 29.41 3.63
N ARG A 26 -6.28 29.20 3.59
CA ARG A 26 -5.33 30.26 3.27
C ARG A 26 -4.80 30.20 1.84
N ARG A 27 -5.24 29.24 1.04
CA ARG A 27 -4.75 29.10 -0.33
C ARG A 27 -5.32 30.21 -1.18
N GLN A 28 -4.50 30.72 -2.12
CA GLN A 28 -4.93 31.79 -3.00
C GLN A 28 -5.83 31.30 -4.13
N THR A 29 -5.85 30.00 -4.41
CA THR A 29 -6.69 29.37 -5.43
C THR A 29 -7.00 27.97 -4.90
N PRO A 30 -8.23 27.50 -5.03
CA PRO A 30 -8.52 26.14 -4.58
C PRO A 30 -7.73 25.11 -5.37
N ILE A 31 -7.40 24.00 -4.68
CA ILE A 31 -6.56 22.99 -5.30
C ILE A 31 -7.37 21.98 -6.13
N LYS A 32 -8.66 21.84 -5.86
CA LYS A 32 -9.54 20.85 -6.52
C LYS A 32 -9.31 20.70 -8.02
N PRO A 33 -9.33 21.75 -8.85
CA PRO A 33 -9.13 21.53 -10.29
C PRO A 33 -7.78 20.92 -10.65
N THR A 34 -6.73 21.22 -9.88
CA THR A 34 -5.44 20.61 -10.16
C THR A 34 -5.39 19.15 -9.70
N ILE A 35 -6.11 18.82 -8.62
CA ILE A 35 -6.25 17.42 -8.22
C ILE A 35 -6.91 16.61 -9.33
N GLU A 36 -7.96 17.18 -9.91
CA GLU A 36 -8.71 16.46 -10.92
C GLU A 36 -7.91 16.33 -12.21
N LYS A 37 -7.13 17.35 -12.56
CA LYS A 37 -6.20 17.21 -13.68
C LYS A 37 -5.17 16.10 -13.40
N LEU A 38 -4.63 16.06 -12.18
CA LEU A 38 -3.64 15.05 -11.85
C LEU A 38 -4.24 13.64 -11.92
N THR A 39 -5.41 13.47 -11.31
CA THR A 39 -6.02 12.15 -11.26
C THR A 39 -6.46 11.70 -12.65
N THR A 40 -6.90 12.63 -13.50
CA THR A 40 -7.22 12.28 -14.89
C THR A 40 -5.98 11.88 -15.67
N HIS A 41 -4.87 12.59 -15.45
CA HIS A 41 -3.62 12.24 -16.10
C HIS A 41 -3.09 10.89 -15.60
N LEU A 42 -3.17 10.64 -14.29
CA LEU A 42 -2.77 9.33 -13.76
C LEU A 42 -3.58 8.21 -14.38
N TYR A 43 -4.90 8.39 -14.49
CA TYR A 43 -5.75 7.37 -15.07
C TYR A 43 -5.38 7.09 -16.52
N THR A 44 -4.99 8.11 -17.27
CA THR A 44 -4.74 7.94 -18.71
C THR A 44 -3.36 7.36 -18.97
N HIS A 45 -2.34 7.85 -18.27
CA HIS A 45 -0.95 7.51 -18.57
C HIS A 45 -0.23 6.78 -17.45
N GLY A 46 -0.83 6.62 -16.28
CA GLY A 46 -0.04 6.15 -15.17
C GLY A 46 1.05 7.14 -14.77
N ALA A 47 1.99 6.63 -13.95
CA ALA A 47 3.05 7.44 -13.36
C ALA A 47 4.38 6.72 -13.47
N SER A 48 5.40 7.48 -13.85
CA SER A 48 6.75 6.95 -14.00
C SER A 48 7.38 6.74 -12.63
N PRO A 49 8.51 6.03 -12.58
CA PRO A 49 9.14 5.79 -11.27
C PRO A 49 9.47 7.05 -10.49
N ASP A 50 9.98 8.10 -11.16
CA ASP A 50 10.27 9.36 -10.47
C ASP A 50 8.99 10.01 -9.96
N SER A 51 7.94 10.04 -10.77
CA SER A 51 6.67 10.63 -10.34
C SER A 51 6.04 9.85 -9.21
N LEU A 52 6.24 8.52 -9.16
CA LEU A 52 5.69 7.72 -8.06
C LEU A 52 6.32 8.12 -6.73
N LEU A 53 7.62 8.46 -6.74
CA LEU A 53 8.27 8.88 -5.50
C LEU A 53 7.70 10.21 -5.01
N ARG A 54 7.59 11.19 -5.92
CA ARG A 54 6.97 12.46 -5.57
C ARG A 54 5.57 12.27 -5.03
N LEU A 55 4.77 11.43 -5.70
CA LEU A 55 3.40 11.14 -5.28
C LEU A 55 3.36 10.43 -3.93
N ALA A 56 4.30 9.50 -3.70
CA ALA A 56 4.34 8.81 -2.42
C ALA A 56 4.69 9.76 -1.29
N ASP A 57 5.51 10.77 -1.58
CA ASP A 57 5.79 11.85 -0.62
C ASP A 57 4.52 12.61 -0.24
N LEU A 58 3.71 13.05 -1.22
CA LEU A 58 2.56 13.80 -0.72
C LEU A 58 1.49 12.89 -0.15
N LEU A 59 1.56 11.58 -0.40
CA LEU A 59 0.59 10.65 0.15
C LEU A 59 0.93 10.26 1.58
N THR A 60 2.21 10.29 1.96
CA THR A 60 2.62 9.81 3.29
C THR A 60 3.07 10.90 4.25
N LEU A 61 3.55 12.04 3.75
CA LEU A 61 3.89 13.13 4.67
C LEU A 61 2.63 13.78 5.23
N ARG A 62 2.73 14.27 6.47
CA ARG A 62 1.69 15.12 7.04
C ARG A 62 1.60 16.43 6.27
N ASN A 63 0.43 16.73 5.74
CA ASN A 63 0.23 17.97 4.99
C ASN A 63 -1.24 18.36 5.11
N HIS A 64 -1.65 19.33 4.31
CA HIS A 64 -2.97 19.93 4.43
C HIS A 64 -3.92 19.46 3.36
N LEU A 65 -3.52 18.48 2.57
CA LEU A 65 -4.45 17.92 1.58
C LEU A 65 -5.53 17.14 2.30
N ASP A 66 -6.74 17.20 1.77
CA ASP A 66 -7.86 16.52 2.39
C ASP A 66 -7.86 15.03 2.07
N GLN A 67 -8.50 14.26 2.95
CA GLN A 67 -8.48 12.81 2.83
C GLN A 67 -9.08 12.34 1.52
N ALA A 68 -10.10 13.04 1.00
CA ALA A 68 -10.74 12.62 -0.24
C ALA A 68 -9.78 12.73 -1.42
N SER A 69 -9.01 13.82 -1.49
CA SER A 69 -8.03 13.99 -2.55
C SER A 69 -6.91 12.95 -2.45
N LEU A 70 -6.45 12.66 -1.22
CA LEU A 70 -5.40 11.68 -1.05
C LEU A 70 -5.86 10.30 -1.47
N ALA A 71 -7.10 9.93 -1.12
CA ALA A 71 -7.63 8.64 -1.57
C ALA A 71 -7.75 8.61 -3.09
N ALA A 72 -8.18 9.72 -3.70
CA ALA A 72 -8.37 9.72 -5.15
C ALA A 72 -7.05 9.53 -5.88
N ILE A 73 -5.97 10.13 -5.38
CA ILE A 73 -4.67 9.94 -5.99
C ILE A 73 -4.24 8.47 -5.85
N THR A 74 -4.38 7.92 -4.65
CA THR A 74 -3.98 6.54 -4.40
C THR A 74 -4.72 5.57 -5.31
N ARG A 75 -6.04 5.76 -5.46
CA ARG A 75 -6.85 4.88 -6.30
C ARG A 75 -6.47 4.97 -7.78
N ASN A 76 -5.79 6.04 -8.20
CA ASN A 76 -5.37 6.23 -9.58
C ASN A 76 -3.86 6.15 -9.74
N LEU A 77 -3.17 5.61 -8.72
CA LEU A 77 -1.71 5.47 -8.72
C LEU A 77 -1.27 4.27 -9.56
N TYR A 78 -1.51 4.37 -10.86
CA TYR A 78 -1.11 3.30 -11.77
C TYR A 78 0.35 3.48 -12.16
N PRO A 79 1.23 2.51 -11.89
CA PRO A 79 2.58 2.60 -12.43
C PRO A 79 2.57 2.37 -13.93
N SER A 80 3.21 3.28 -14.67
CA SER A 80 3.35 3.11 -16.11
C SER A 80 4.52 2.18 -16.47
N SER A 81 5.47 2.02 -15.55
CA SER A 81 6.63 1.16 -15.69
C SER A 81 6.75 0.33 -14.41
N THR A 82 7.82 0.52 -13.63
CA THR A 82 8.11 -0.30 -12.46
C THR A 82 8.01 0.53 -11.19
N VAL A 83 8.15 -0.16 -10.05
CA VAL A 83 8.01 0.44 -8.72
C VAL A 83 9.32 0.25 -7.98
N SER A 84 9.94 1.34 -7.57
CA SER A 84 11.27 1.30 -7.00
C SER A 84 11.21 0.99 -5.52
N ASP A 85 12.37 0.56 -4.99
CA ASP A 85 12.50 0.29 -3.56
C ASP A 85 12.22 1.51 -2.72
N GLU A 86 12.67 2.69 -3.17
CA GLU A 86 12.38 3.93 -2.45
C GLU A 86 10.87 4.15 -2.31
N VAL A 87 10.11 3.92 -3.37
CA VAL A 87 8.66 4.08 -3.28
C VAL A 87 8.08 3.11 -2.25
N VAL A 88 8.43 1.82 -2.40
CA VAL A 88 7.95 0.79 -1.49
C VAL A 88 8.25 1.17 -0.04
N LEU A 89 9.48 1.64 0.23
CA LEU A 89 9.87 1.91 1.62
C LEU A 89 9.19 3.15 2.17
N ARG A 90 8.83 4.10 1.30
CA ARG A 90 8.02 5.24 1.72
C ARG A 90 6.66 4.79 2.25
N PHE A 91 6.00 3.88 1.54
CA PHE A 91 4.71 3.40 2.04
C PHE A 91 4.88 2.54 3.29
N ILE A 92 5.92 1.72 3.34
CA ILE A 92 6.14 0.88 4.53
C ILE A 92 6.42 1.78 5.73
N GLY A 93 7.21 2.83 5.54
CA GLY A 93 7.50 3.76 6.62
C GLY A 93 6.28 4.52 7.12
N ALA A 94 5.20 4.55 6.36
CA ALA A 94 3.98 5.27 6.75
C ALA A 94 3.03 4.43 7.57
N LEU A 95 3.37 3.16 7.82
CA LEU A 95 2.44 2.22 8.46
C LEU A 95 2.52 2.28 9.97
N GLY A 96 1.37 2.12 10.63
CA GLY A 96 1.32 2.09 12.07
C GLY A 96 0.85 3.39 12.70
N HIS A 97 1.17 3.52 13.99
CA HIS A 97 0.73 4.65 14.79
C HIS A 97 1.87 5.64 14.93
N GLY A 98 1.53 6.94 14.86
CA GLY A 98 2.53 7.97 14.92
C GLY A 98 2.09 9.32 14.39
N GLN A 99 2.62 10.38 15.00
CA GLN A 99 2.25 11.74 14.62
C GLN A 99 2.65 12.06 13.18
N LEU A 100 3.68 11.42 12.65
CA LEU A 100 4.10 11.61 11.27
C LEU A 100 3.24 10.83 10.27
N LYS A 101 2.32 9.95 10.75
CA LYS A 101 1.80 8.94 9.83
C LYS A 101 0.39 9.27 9.37
N PRO A 102 -0.01 8.76 8.21
CA PRO A 102 -1.35 9.03 7.67
C PRO A 102 -2.40 8.21 8.39
N THR A 103 -3.66 8.47 8.04
CA THR A 103 -4.79 7.76 8.62
C THR A 103 -4.69 6.27 8.34
N LEU A 104 -5.29 5.46 9.23
CA LEU A 104 -5.32 4.02 9.02
C LEU A 104 -6.08 3.69 7.75
N ALA A 105 -7.10 4.48 7.42
CA ALA A 105 -7.87 4.23 6.21
C ALA A 105 -6.98 4.35 4.97
N LEU A 106 -6.07 5.32 4.95
CA LEU A 106 -5.16 5.44 3.81
C LEU A 106 -4.14 4.31 3.82
N GLN A 107 -3.60 3.97 4.99
CA GLN A 107 -2.70 2.84 5.09
C GLN A 107 -3.31 1.58 4.48
N ALA A 108 -4.61 1.36 4.66
CA ALA A 108 -5.23 0.19 4.04
C ALA A 108 -5.10 0.23 2.53
N LEU A 109 -5.34 1.40 1.93
CA LEU A 109 -5.23 1.56 0.48
C LEU A 109 -3.79 1.43 0.01
N PHE A 110 -2.81 1.87 0.81
CA PHE A 110 -1.41 1.68 0.44
C PHE A 110 -1.05 0.21 0.43
N LEU A 111 -1.53 -0.55 1.41
CA LEU A 111 -1.23 -1.98 1.50
C LEU A 111 -1.87 -2.73 0.35
N ARG A 112 -3.14 -2.43 0.07
CA ARG A 112 -3.83 -2.97 -1.10
C ARG A 112 -3.05 -2.66 -2.38
N TRP A 113 -2.62 -1.40 -2.54
CA TRP A 113 -1.85 -1.01 -3.71
C TRP A 113 -0.58 -1.86 -3.84
N LEU A 114 0.14 -2.08 -2.73
CA LEU A 114 1.35 -2.89 -2.76
C LEU A 114 1.08 -4.30 -3.29
N VAL A 115 -0.05 -4.89 -2.89
CA VAL A 115 -0.44 -6.19 -3.43
C VAL A 115 -0.68 -6.09 -4.93
N MSE A 116 -1.35 -5.04 -5.37
CA MSE A 116 -1.79 -4.92 -6.76
C MSE A 116 -0.64 -4.56 -7.74
O MSE A 116 -0.75 -4.84 -8.92
CB MSE A 116 -2.94 -3.89 -6.83
CG MSE A 116 -4.16 -4.28 -6.05
SE MSE A 116 -5.78 -3.24 -6.51
CE MSE A 116 -5.20 -1.44 -5.96
N VAL A 117 0.47 -4.03 -7.22
CA VAL A 117 1.65 -3.75 -8.06
C VAL A 117 2.81 -4.67 -7.71
N TYR A 118 2.55 -5.75 -6.96
CA TYR A 118 3.61 -6.64 -6.50
C TYR A 118 4.49 -7.12 -7.66
N HIS A 119 3.88 -7.45 -8.81
CA HIS A 119 4.63 -7.94 -9.95
C HIS A 119 5.41 -6.84 -10.67
N LEU A 120 5.22 -5.59 -10.30
CA LEU A 120 5.97 -4.49 -10.91
C LEU A 120 7.09 -4.00 -10.01
N LEU A 121 7.26 -4.58 -8.82
CA LEU A 121 8.34 -4.13 -7.96
C LEU A 121 9.67 -4.44 -8.61
N GLU A 122 10.59 -3.49 -8.53
CA GLU A 122 11.92 -3.73 -9.08
C GLU A 122 12.66 -4.78 -8.28
N ASN A 123 12.52 -4.74 -6.95
CA ASN A 123 13.16 -5.71 -6.07
C ASN A 123 12.14 -6.14 -5.03
N PRO A 124 11.25 -7.09 -5.38
CA PRO A 124 10.18 -7.49 -4.44
C PRO A 124 10.73 -8.05 -3.15
N GLY A 125 11.94 -8.61 -3.17
CA GLY A 125 12.58 -9.08 -1.96
C GLY A 125 12.77 -8.02 -0.90
N VAL A 126 12.64 -6.73 -1.26
CA VAL A 126 12.84 -5.69 -0.26
C VAL A 126 11.75 -5.78 0.81
N LEU A 127 10.56 -6.26 0.46
CA LEU A 127 9.52 -6.42 1.46
C LEU A 127 9.91 -7.47 2.47
N GLY A 128 10.70 -8.48 2.06
CA GLY A 128 11.16 -9.49 2.99
C GLY A 128 12.05 -8.94 4.07
N GLN A 129 12.83 -7.89 3.76
CA GLN A 129 13.69 -7.25 4.74
C GLN A 129 12.96 -6.37 5.74
N VAL A 130 11.69 -6.03 5.52
CA VAL A 130 10.94 -5.23 6.48
C VAL A 130 9.76 -6.06 6.97
N TYR A 131 9.90 -7.38 6.91
CA TYR A 131 8.82 -8.27 7.29
C TYR A 131 8.31 -7.95 8.69
N GLY A 132 9.22 -7.66 9.62
CA GLY A 132 8.82 -7.42 10.99
C GLY A 132 7.95 -6.18 11.16
N VAL A 133 8.25 -5.13 10.39
CA VAL A 133 7.41 -3.93 10.45
C VAL A 133 5.97 -4.29 10.12
N LEU A 134 5.77 -5.07 9.07
CA LEU A 134 4.44 -5.45 8.64
C LEU A 134 3.79 -6.39 9.65
N PHE A 135 4.55 -7.39 10.10
CA PHE A 135 4.02 -8.44 10.97
C PHE A 135 3.58 -7.87 12.31
N ASP A 136 4.39 -6.98 12.89
CA ASP A 136 4.09 -6.40 14.19
C ASP A 136 2.85 -5.53 14.18
N LEU A 137 2.32 -5.19 13.01
CA LEU A 137 1.11 -4.37 12.94
C LEU A 137 -0.17 -5.21 12.87
N LEU A 138 -0.08 -6.54 12.90
CA LEU A 138 -1.26 -7.40 12.78
C LEU A 138 -2.28 -7.19 13.91
N ASP A 139 -1.86 -6.58 15.03
CA ASP A 139 -2.80 -6.22 16.09
C ASP A 139 -3.83 -5.20 15.60
N THR A 140 -3.39 -4.26 14.76
CA THR A 140 -4.24 -3.17 14.26
C THR A 140 -5.32 -3.68 13.32
N ALA A 141 -6.52 -3.87 13.87
CA ALA A 141 -7.60 -4.47 13.10
C ALA A 141 -7.98 -3.64 11.89
N ALA A 142 -7.79 -2.31 11.95
CA ALA A 142 -8.17 -1.45 10.81
C ALA A 142 -7.40 -1.76 9.53
N ILE A 143 -6.21 -2.34 9.61
CA ILE A 143 -5.43 -2.68 8.42
C ILE A 143 -5.13 -4.16 8.30
N ARG A 144 -5.66 -4.99 9.22
CA ARG A 144 -5.31 -6.42 9.26
C ARG A 144 -5.59 -7.16 7.96
N PRO A 145 -6.76 -7.02 7.30
CA PRO A 145 -6.97 -7.80 6.07
C PRO A 145 -5.95 -7.50 4.99
N GLN A 146 -5.56 -6.23 4.84
CA GLN A 146 -4.57 -5.87 3.84
C GLN A 146 -3.18 -6.31 4.24
N LEU A 147 -2.84 -6.19 5.53
CA LEU A 147 -1.58 -6.77 6.02
C LEU A 147 -1.48 -8.27 5.71
N CYS A 148 -2.52 -9.03 6.05
CA CYS A 148 -2.46 -10.48 5.87
C CYS A 148 -2.20 -10.84 4.41
N HIS A 149 -2.94 -10.21 3.50
CA HIS A 149 -2.77 -10.46 2.07
C HIS A 149 -1.33 -10.15 1.63
N LEU A 150 -0.80 -9.00 2.05
CA LEU A 150 0.55 -8.64 1.63
C LEU A 150 1.57 -9.59 2.24
N LEU A 151 1.41 -9.89 3.53
CA LEU A 151 2.29 -10.83 4.20
C LEU A 151 2.24 -12.21 3.54
N ALA A 152 1.06 -12.64 3.08
CA ALA A 152 0.98 -13.93 2.42
C ALA A 152 1.84 -13.96 1.16
N LEU A 153 1.90 -12.84 0.43
CA LEU A 153 2.79 -12.75 -0.73
C LEU A 153 4.26 -12.72 -0.32
N VAL A 154 4.58 -12.09 0.82
CA VAL A 154 5.96 -11.81 1.16
C VAL A 154 6.63 -12.94 1.93
N THR A 155 5.86 -13.73 2.67
CA THR A 155 6.39 -14.75 3.58
C THR A 155 7.27 -15.77 2.85
N ARG A 156 8.50 -15.92 3.34
CA ARG A 156 9.43 -16.97 2.98
C ARG A 156 9.68 -17.81 4.23
N ARG A 157 10.32 -18.97 4.04
CA ARG A 157 10.60 -19.85 5.17
C ARG A 157 11.33 -19.12 6.29
N LYS A 158 12.34 -18.32 5.95
CA LYS A 158 13.13 -17.67 6.99
C LYS A 158 12.30 -16.72 7.85
N HIS A 159 11.15 -16.26 7.37
CA HIS A 159 10.30 -15.39 8.19
C HIS A 159 9.47 -16.18 9.19
N VAL A 160 9.28 -17.49 8.98
CA VAL A 160 8.33 -18.26 9.76
C VAL A 160 9.04 -18.82 10.99
N ARG A 161 9.48 -17.92 11.87
CA ARG A 161 10.19 -18.26 13.10
C ARG A 161 9.18 -18.62 14.19
N PRO A 162 9.57 -19.48 15.15
CA PRO A 162 8.61 -19.92 16.18
C PRO A 162 7.90 -18.79 16.91
N PHE A 163 8.58 -17.69 17.21
CA PHE A 163 7.88 -16.62 17.92
C PHE A 163 6.79 -16.02 17.06
N ARG A 164 6.99 -15.97 15.73
CA ARG A 164 5.93 -15.47 14.85
C ARG A 164 4.79 -16.48 14.69
N ILE A 165 5.11 -17.78 14.65
CA ILE A 165 4.04 -18.77 14.64
C ILE A 165 3.16 -18.61 15.87
N GLN A 166 3.77 -18.48 17.06
CA GLN A 166 2.98 -18.40 18.28
C GLN A 166 2.19 -17.09 18.36
N ALA A 167 2.80 -15.97 17.96
CA ALA A 167 2.10 -14.70 18.06
C ALA A 167 0.82 -14.71 17.23
N ILE A 168 0.88 -15.34 16.05
CA ILE A 168 -0.30 -15.37 15.20
C ILE A 168 -1.29 -16.43 15.66
N LEU A 169 -0.81 -17.51 16.29
CA LEU A 169 -1.75 -18.40 16.97
C LEU A 169 -2.43 -17.69 18.13
N THR A 170 -1.66 -16.97 18.93
CA THR A 170 -2.23 -16.22 20.05
C THR A 170 -3.22 -15.18 19.56
N LEU A 171 -2.89 -14.45 18.48
CA LEU A 171 -3.77 -13.41 17.95
C LEU A 171 -5.07 -14.00 17.42
N SER A 172 -4.98 -15.12 16.70
CA SER A 172 -6.18 -15.81 16.24
C SER A 172 -7.09 -16.19 17.41
N ARG A 173 -6.52 -16.75 18.47
CA ARG A 173 -7.34 -17.14 19.61
C ARG A 173 -7.97 -15.90 20.25
N GLN A 174 -7.16 -14.87 20.47
CA GLN A 174 -7.64 -13.73 21.25
C GLN A 174 -8.67 -12.90 20.49
N THR A 175 -8.59 -12.86 19.16
CA THR A 175 -9.62 -12.17 18.36
C THR A 175 -10.89 -12.98 18.17
N GLY A 176 -10.89 -14.25 18.57
CA GLY A 176 -12.02 -15.10 18.31
C GLY A 176 -12.05 -15.71 16.93
N GLY A 177 -10.91 -15.77 16.25
CA GLY A 177 -10.86 -16.25 14.90
C GLY A 177 -11.09 -15.15 13.89
N ASP A 178 -10.30 -15.17 12.84
CA ASP A 178 -10.30 -14.11 11.86
C ASP A 178 -9.88 -14.75 10.55
N PRO A 179 -10.70 -14.70 9.51
CA PRO A 179 -10.36 -15.47 8.30
C PRO A 179 -9.10 -14.99 7.61
N ASN A 180 -8.71 -13.74 7.82
CA ASN A 180 -7.47 -13.26 7.24
C ASN A 180 -6.24 -13.76 7.99
N LEU A 181 -6.32 -13.83 9.32
CA LEU A 181 -5.27 -14.50 10.08
C LEU A 181 -5.22 -15.98 9.76
N THR A 182 -6.39 -16.62 9.58
CA THR A 182 -6.39 -18.02 9.20
C THR A 182 -5.70 -18.21 7.85
N GLY A 183 -5.98 -17.33 6.89
CA GLY A 183 -5.30 -17.41 5.60
C GLY A 183 -3.78 -17.32 5.73
N LEU A 184 -3.29 -16.42 6.58
CA LEU A 184 -1.85 -16.25 6.69
C LEU A 184 -1.22 -17.42 7.44
N LEU A 185 -1.94 -17.97 8.42
CA LEU A 185 -1.48 -19.17 9.09
C LEU A 185 -1.35 -20.33 8.12
N ARG A 186 -2.26 -20.44 7.15
CA ARG A 186 -2.12 -21.50 6.16
C ARG A 186 -0.85 -21.34 5.35
N VAL A 187 -0.42 -20.10 5.06
CA VAL A 187 0.87 -19.90 4.41
C VAL A 187 2.00 -20.38 5.30
N PHE A 188 1.94 -20.07 6.60
CA PHE A 188 2.92 -20.61 7.54
C PHE A 188 2.89 -22.11 7.54
N LYS A 189 1.68 -22.68 7.43
CA LYS A 189 1.51 -24.12 7.41
C LYS A 189 2.22 -24.75 6.22
N ASN A 190 2.23 -24.07 5.06
CA ASN A 190 2.93 -24.62 3.91
C ASN A 190 4.39 -24.93 4.23
N TYR A 191 5.00 -24.18 5.16
CA TYR A 191 6.41 -24.38 5.50
C TYR A 191 6.61 -25.33 6.68
N TYR A 192 5.69 -25.29 7.66
CA TYR A 192 5.79 -26.13 8.87
C TYR A 192 4.46 -26.81 9.08
N PRO A 193 4.21 -27.95 8.40
CA PRO A 193 2.89 -28.59 8.48
C PRO A 193 2.46 -29.10 9.87
N GLU A 194 3.34 -29.08 10.89
CA GLU A 194 2.91 -29.47 12.24
C GLU A 194 2.02 -28.42 12.91
N ILE A 195 1.90 -27.22 12.32
CA ILE A 195 0.95 -26.21 12.79
C ILE A 195 -0.47 -26.67 12.51
N ILE A 196 -1.36 -26.50 13.50
CA ILE A 196 -2.78 -26.82 13.34
C ILE A 196 -3.56 -25.54 13.05
N VAL A 197 -4.49 -25.61 12.10
CA VAL A 197 -5.23 -24.40 11.67
C VAL A 197 -6.76 -24.58 11.82
N ALA A 205 -10.38 -18.70 6.72
CA ALA A 205 -10.66 -19.40 5.48
C ALA A 205 -10.53 -18.49 4.25
N SER A 206 -9.71 -17.44 4.37
CA SER A 206 -9.59 -16.41 3.33
C SER A 206 -8.59 -16.84 2.27
N ALA A 207 -8.98 -16.74 0.99
CA ALA A 207 -8.16 -17.25 -0.10
C ALA A 207 -7.32 -16.18 -0.78
N PHE A 208 -7.50 -14.91 -0.44
CA PHE A 208 -6.68 -13.80 -0.94
C PHE A 208 -6.65 -13.78 -2.47
N LYS A 209 -7.80 -13.46 -3.04
CA LYS A 209 -7.84 -13.19 -4.45
C LYS A 209 -7.56 -11.71 -4.69
N HIS A 210 -7.37 -11.36 -5.95
CA HIS A 210 -7.04 -9.98 -6.29
C HIS A 210 -8.12 -9.05 -5.74
N PRO A 211 -7.75 -8.02 -4.98
CA PRO A 211 -8.77 -7.18 -4.35
C PRO A 211 -9.60 -6.32 -5.32
N ASP A 212 -9.15 -6.14 -6.56
CA ASP A 212 -9.86 -5.26 -7.50
C ASP A 212 -9.53 -5.65 -8.94
N PRO A 213 -10.27 -6.59 -9.51
CA PRO A 213 -9.99 -6.99 -10.90
C PRO A 213 -10.13 -5.86 -11.92
N GLN A 214 -11.01 -4.87 -11.69
CA GLN A 214 -11.08 -3.72 -12.60
C GLN A 214 -9.76 -2.96 -12.62
N TRP A 215 -9.20 -2.65 -11.44
CA TRP A 215 -7.92 -1.98 -11.35
C TRP A 215 -6.82 -2.78 -12.08
N ARG A 216 -6.81 -4.10 -11.92
CA ARG A 216 -5.83 -4.94 -12.61
C ARG A 216 -5.95 -4.80 -14.13
N GLN A 217 -7.18 -4.83 -14.64
CA GLN A 217 -7.36 -4.73 -16.09
C GLN A 217 -6.86 -3.39 -16.61
N HIS A 218 -7.20 -2.30 -15.92
CA HIS A 218 -6.76 -0.99 -16.36
C HIS A 218 -5.26 -0.81 -16.22
N LEU A 219 -4.68 -1.31 -15.12
CA LEU A 219 -3.23 -1.32 -14.99
C LEU A 219 -2.59 -2.06 -16.15
N ASP A 220 -3.14 -3.22 -16.50
CA ASP A 220 -2.57 -4.02 -17.58
C ASP A 220 -2.61 -3.26 -18.90
N GLU A 221 -3.71 -2.55 -19.17
CA GLU A 221 -3.82 -1.75 -20.40
C GLU A 221 -2.73 -0.70 -20.48
N ILE A 222 -2.48 0.00 -19.36
CA ILE A 222 -1.40 0.98 -19.29
C ILE A 222 -0.06 0.29 -19.48
N GLN A 223 0.14 -0.87 -18.84
CA GLN A 223 1.40 -1.60 -18.99
C GLN A 223 1.57 -2.16 -20.40
N GLN A 224 0.47 -2.43 -21.11
CA GLN A 224 0.53 -2.89 -22.49
C GLN A 224 1.33 -1.93 -23.37
N ARG A 225 1.19 -0.62 -23.15
CA ARG A 225 1.85 0.35 -24.02
C ARG A 225 3.37 0.26 -23.97
N ARG A 226 3.94 -0.39 -22.95
CA ARG A 226 5.39 -0.49 -22.86
C ARG A 226 5.96 -1.32 -24.00
N SER A 227 5.16 -2.21 -24.56
CA SER A 227 5.55 -2.98 -25.74
C SER A 227 4.89 -2.38 -26.98
#